data_8HES
#
_entry.id   8HES
#
_cell.length_a   53.147
_cell.length_b   101.113
_cell.length_c   134.265
_cell.angle_alpha   90.000
_cell.angle_beta   90.000
_cell.angle_gamma   90.000
#
_symmetry.space_group_name_H-M   'P 21 21 21'
#
loop_
_entity.id
_entity.type
_entity.pdbx_description
1 polymer 'NIV-10 Fab H-chain'
2 polymer 'Spike protein S1'
3 polymer 'NIV-10 Fab L-chain'
4 non-polymer 2-acetamido-2-deoxy-beta-D-glucopyranose
5 water water
#
loop_
_entity_poly.entity_id
_entity_poly.type
_entity_poly.pdbx_seq_one_letter_code
_entity_poly.pdbx_strand_id
1 'polypeptide(L)'
;EVQLVESGGGLVQPGGSLRLSCAASGFTFYSYWMTWVRQAPGKGLEWVANIKHDESESHYVDSVRGRFTISRDNAKNSVY
LQMKGLRAEDTAVYYCARDGGYNILTAYYHAPSYWGQGTLVTVSSASTKGPSVFPLAPSSKSTSGGTAALGCLVKDYFPE
PVTVSWNSGALTSGVHTFPAVLQSSGLYSLSSVVTVPSSSLGTQTYICNVNHKPSNTKVDKRVEPKSCDKGSSLEVLFQG
PLGHHHHHH
;
H
2 'polypeptide(L)'
;PTESIVRFPNITNLCPFGEVFNATRFASVYAWNRKRISNCVADYSVLYNSASFSTFKCYGVSPTKLNDLCFTNVYADSFV
IRGDEVRQIAPGQTGKIADYNYKLPDDFTGCVIAWNSNNLDSKVGGNYNYLYRLFRKSNLKPFERDISTEIYQAGSTPCN
GVEGFNCYFPLQSYGFQPTNGVGYQPYRVVVLSFELLHAPATVCGPKKSTNLVKN
;
C
3 'polypeptide(L)'
;QSALTQPASVSGSPGQSITISCTGTSSDVGGYNFVSWYRQYPGKAPQLMIYDVSRRPSGDSDRFSGSKSGNTASLTISGL
QAEDEAEYHCSSYTGRSPYVVFGGGTKVTVLGQPKAAPSVTLFPPSSEELQANKATLVCLISDFYPGAVTVAWKADSSPV
KAGVETTTPSKQSNNKYAASSYLSLTPEQWKSHRSYSCQVTHEGSTVEKTVAPTECS
;
L
#
# COMPACT_ATOMS: atom_id res chain seq x y z
N GLU A 1 -18.50 -2.75 11.45
CA GLU A 1 -17.26 -2.06 11.12
C GLU A 1 -16.36 -2.90 10.21
N VAL A 2 -15.60 -2.22 9.34
CA VAL A 2 -14.62 -2.91 8.52
C VAL A 2 -13.50 -3.45 9.40
N GLN A 3 -13.04 -4.67 9.07
CA GLN A 3 -11.84 -5.25 9.65
C GLN A 3 -10.97 -5.77 8.50
N LEU A 4 -9.68 -5.47 8.54
CA LEU A 4 -8.70 -6.13 7.69
C LEU A 4 -7.65 -6.72 8.60
N VAL A 5 -7.67 -8.05 8.74
CA VAL A 5 -6.76 -8.76 9.62
C VAL A 5 -5.58 -9.26 8.77
N GLU A 6 -4.40 -8.70 8.97
CA GLU A 6 -3.22 -9.10 8.22
C GLU A 6 -2.55 -10.30 8.87
N SER A 7 -2.08 -11.21 8.01
CA SER A 7 -1.30 -12.38 8.41
C SER A 7 -0.02 -12.46 7.59
N GLY A 8 0.89 -13.30 8.08
CA GLY A 8 2.14 -13.55 7.39
C GLY A 8 3.23 -12.58 7.78
N GLY A 9 4.36 -12.73 7.11
CA GLY A 9 5.50 -11.88 7.41
C GLY A 9 6.51 -12.59 8.30
N GLY A 10 7.51 -11.82 8.73
CA GLY A 10 8.52 -12.33 9.61
C GLY A 10 9.92 -12.06 9.08
N LEU A 11 10.87 -12.91 9.45
CA LEU A 11 12.27 -12.76 9.14
C LEU A 11 12.70 -13.82 8.14
N VAL A 12 13.36 -13.40 7.06
CA VAL A 12 14.00 -14.30 6.10
C VAL A 12 15.37 -13.75 5.70
N GLN A 13 16.13 -14.58 4.98
CA GLN A 13 17.38 -14.22 4.35
C GLN A 13 17.16 -13.78 2.92
N PRO A 14 18.06 -12.95 2.37
CA PRO A 14 17.93 -12.53 0.97
C PRO A 14 17.75 -13.72 0.04
N GLY A 15 16.85 -13.58 -0.92
CA GLY A 15 16.47 -14.67 -1.78
C GLY A 15 15.35 -15.53 -1.23
N GLY A 16 14.93 -15.30 0.02
CA GLY A 16 13.84 -16.06 0.60
C GLY A 16 12.45 -15.68 0.08
N SER A 17 11.46 -16.37 0.63
CA SER A 17 10.07 -16.26 0.22
C SER A 17 9.20 -15.90 1.42
N LEU A 18 8.13 -15.14 1.17
CA LEU A 18 7.10 -14.87 2.16
C LEU A 18 5.76 -14.82 1.45
N ARG A 19 4.68 -14.94 2.23
CA ARG A 19 3.34 -14.65 1.74
C ARG A 19 2.58 -13.90 2.81
N LEU A 20 2.11 -12.71 2.46
CA LEU A 20 1.24 -11.93 3.31
C LEU A 20 -0.20 -12.18 2.90
N SER A 21 -1.10 -12.07 3.86
CA SER A 21 -2.50 -12.16 3.51
C SER A 21 -3.27 -11.13 4.31
N CYS A 22 -4.42 -10.74 3.78
CA CYS A 22 -5.35 -9.86 4.46
C CYS A 22 -6.74 -10.47 4.41
N ALA A 23 -7.36 -10.65 5.56
CA ALA A 23 -8.69 -11.23 5.65
C ALA A 23 -9.70 -10.12 5.96
N ALA A 24 -10.67 -9.94 5.08
CA ALA A 24 -11.62 -8.85 5.16
C ALA A 24 -12.95 -9.30 5.75
N SER A 25 -13.56 -8.44 6.55
CA SER A 25 -14.97 -8.57 6.91
C SER A 25 -15.53 -7.17 7.11
N GLY A 26 -16.86 -7.08 7.18
CA GLY A 26 -17.53 -5.80 7.31
C GLY A 26 -17.77 -5.06 6.00
N PHE A 27 -17.49 -5.69 4.86
CA PHE A 27 -17.84 -5.12 3.56
C PHE A 27 -17.84 -6.26 2.55
N THR A 28 -18.53 -6.06 1.44
CA THR A 28 -18.67 -7.12 0.43
C THR A 28 -17.38 -7.18 -0.37
N PHE A 29 -16.51 -8.11 0.05
CA PHE A 29 -15.11 -8.12 -0.39
C PHE A 29 -14.96 -8.10 -1.90
N TYR A 30 -15.78 -8.85 -2.61
CA TYR A 30 -15.51 -9.02 -4.04
C TYR A 30 -15.98 -7.82 -4.87
N SER A 31 -16.44 -6.74 -4.24
CA SER A 31 -16.80 -5.50 -4.93
C SER A 31 -15.67 -4.48 -4.98
N TYR A 32 -14.53 -4.75 -4.33
CA TYR A 32 -13.53 -3.73 -4.04
C TYR A 32 -12.16 -4.13 -4.57
N TRP A 33 -11.44 -3.11 -4.97
CA TRP A 33 -10.02 -3.29 -5.31
C TRP A 33 -9.29 -3.43 -3.98
N MET A 34 -8.16 -4.11 -3.96
CA MET A 34 -7.30 -4.17 -2.79
C MET A 34 -5.91 -3.67 -3.17
N THR A 35 -5.27 -3.06 -2.18
CA THR A 35 -3.95 -2.47 -2.42
C THR A 35 -2.97 -2.84 -1.31
N TRP A 36 -1.72 -3.07 -1.65
CA TRP A 36 -0.63 -3.28 -0.70
C TRP A 36 0.32 -2.08 -0.74
N VAL A 37 0.73 -1.62 0.43
CA VAL A 37 1.58 -0.47 0.61
C VAL A 37 2.64 -0.87 1.63
N ARG A 38 3.87 -0.38 1.46
CA ARG A 38 4.90 -0.71 2.43
C ARG A 38 5.54 0.56 2.98
N GLN A 39 6.22 0.39 4.10
CA GLN A 39 6.87 1.53 4.79
C GLN A 39 8.15 1.04 5.45
N ALA A 40 9.28 1.37 4.86
CA ALA A 40 10.59 1.03 5.45
C ALA A 40 10.77 1.87 6.72
N PRO A 41 11.62 1.45 7.66
CA PRO A 41 11.75 2.17 8.94
C PRO A 41 12.22 3.59 8.76
N GLY A 42 11.51 4.54 9.36
CA GLY A 42 11.90 5.95 9.29
C GLY A 42 11.61 6.58 7.95
N LYS A 43 10.89 5.86 7.10
CA LYS A 43 10.60 6.39 5.75
C LYS A 43 9.10 6.53 5.54
N GLY A 44 8.73 7.05 4.37
CA GLY A 44 7.34 7.23 4.02
C GLY A 44 6.75 5.99 3.39
N LEU A 45 5.53 6.16 2.89
CA LEU A 45 4.77 5.08 2.30
C LEU A 45 5.20 4.85 0.86
N GLU A 46 5.15 3.59 0.44
CA GLU A 46 5.39 3.26 -0.96
C GLU A 46 4.34 2.30 -1.46
N TRP A 47 3.71 2.65 -2.58
CA TRP A 47 2.73 1.77 -3.27
C TRP A 47 3.46 0.55 -3.81
N VAL A 48 2.88 -0.63 -3.61
CA VAL A 48 3.51 -1.89 -3.98
C VAL A 48 2.75 -2.61 -5.08
N ALA A 49 1.47 -2.87 -4.86
CA ALA A 49 0.66 -3.57 -5.83
C ALA A 49 -0.81 -3.23 -5.59
N ASN A 50 -1.63 -3.53 -6.58
CA ASN A 50 -3.09 -3.40 -6.45
C ASN A 50 -3.71 -4.53 -7.28
N ILE A 51 -4.97 -4.86 -7.04
CA ILE A 51 -5.65 -5.91 -7.78
C ILE A 51 -7.14 -5.58 -7.86
N LYS A 52 -7.70 -5.72 -9.05
CA LYS A 52 -9.10 -5.47 -9.30
C LYS A 52 -9.97 -6.46 -8.52
N HIS A 53 -11.21 -6.05 -8.27
CA HIS A 53 -12.16 -6.89 -7.55
C HIS A 53 -12.29 -8.31 -8.13
N ASP A 54 -11.95 -8.50 -9.42
CA ASP A 54 -12.13 -9.78 -10.11
C ASP A 54 -10.81 -10.34 -10.62
N GLU A 55 -9.69 -9.87 -10.07
CA GLU A 55 -8.34 -10.22 -10.54
C GLU A 55 -8.12 -9.97 -12.02
N SER A 56 -9.08 -9.37 -12.73
CA SER A 56 -8.86 -9.12 -14.16
C SER A 56 -7.77 -8.11 -14.40
N GLU A 57 -7.17 -7.56 -13.36
CA GLU A 57 -6.19 -6.51 -13.53
C GLU A 57 -5.39 -6.41 -12.25
N SER A 58 -4.09 -6.31 -12.38
CA SER A 58 -3.24 -6.14 -11.21
C SER A 58 -1.97 -5.41 -11.63
N HIS A 59 -1.56 -4.49 -10.76
CA HIS A 59 -0.41 -3.62 -11.08
C HIS A 59 0.68 -3.76 -10.02
N TYR A 60 1.91 -3.47 -10.42
CA TYR A 60 3.04 -3.65 -9.51
C TYR A 60 4.07 -2.54 -9.67
N VAL A 61 4.62 -2.09 -8.56
CA VAL A 61 5.74 -1.17 -8.66
C VAL A 61 6.90 -1.87 -9.35
N ASP A 62 7.66 -1.12 -10.13
CA ASP A 62 8.74 -1.69 -10.97
C ASP A 62 9.72 -2.59 -10.21
N SER A 63 10.09 -2.21 -9.00
CA SER A 63 11.16 -2.95 -8.35
C SER A 63 10.71 -4.29 -7.79
N VAL A 64 9.43 -4.63 -7.90
CA VAL A 64 8.94 -5.94 -7.47
C VAL A 64 8.40 -6.76 -8.62
N ARG A 65 8.40 -6.22 -9.86
CA ARG A 65 7.97 -7.00 -11.01
C ARG A 65 8.76 -8.30 -11.11
N GLY A 66 8.03 -9.41 -11.27
CA GLY A 66 8.66 -10.69 -11.41
C GLY A 66 9.13 -11.31 -10.12
N ARG A 67 8.93 -10.65 -8.99
CA ARG A 67 9.26 -11.17 -7.67
C ARG A 67 8.04 -11.23 -6.76
N PHE A 68 7.11 -10.28 -6.85
CA PHE A 68 5.90 -10.32 -6.04
C PHE A 68 4.70 -10.66 -6.90
N THR A 69 3.77 -11.43 -6.34
CA THR A 69 2.52 -11.73 -7.00
C THR A 69 1.39 -11.36 -6.05
N ILE A 70 0.53 -10.46 -6.50
CA ILE A 70 -0.70 -10.16 -5.77
C ILE A 70 -1.80 -11.08 -6.28
N SER A 71 -2.65 -11.55 -5.38
CA SER A 71 -3.77 -12.38 -5.77
C SER A 71 -4.85 -12.27 -4.69
N ARG A 72 -6.00 -12.86 -4.99
CA ARG A 72 -7.11 -12.78 -4.06
C ARG A 72 -7.98 -14.02 -4.20
N ASP A 73 -8.59 -14.41 -3.09
CA ASP A 73 -9.55 -15.51 -3.02
C ASP A 73 -10.85 -14.89 -2.52
N ASN A 74 -11.78 -14.59 -3.43
CA ASN A 74 -12.99 -13.89 -3.02
C ASN A 74 -13.88 -14.77 -2.15
N ALA A 75 -13.90 -16.08 -2.41
CA ALA A 75 -14.69 -16.98 -1.56
C ALA A 75 -14.24 -16.90 -0.11
N LYS A 76 -12.95 -16.63 0.13
CA LYS A 76 -12.40 -16.55 1.47
C LYS A 76 -12.21 -15.11 1.94
N ASN A 77 -12.68 -14.13 1.16
CA ASN A 77 -12.53 -12.71 1.47
C ASN A 77 -11.10 -12.32 1.80
N SER A 78 -10.14 -12.81 1.00
CA SER A 78 -8.74 -12.61 1.31
C SER A 78 -7.96 -12.15 0.09
N VAL A 79 -6.98 -11.31 0.35
CA VAL A 79 -6.02 -10.86 -0.64
C VAL A 79 -4.64 -11.24 -0.13
N TYR A 80 -3.74 -11.54 -1.07
CA TYR A 80 -2.44 -12.13 -0.76
C TYR A 80 -1.34 -11.39 -1.49
N LEU A 81 -0.16 -11.35 -0.88
CA LEU A 81 1.03 -10.86 -1.56
C LEU A 81 2.09 -11.94 -1.45
N GLN A 82 2.35 -12.62 -2.55
CA GLN A 82 3.37 -13.67 -2.57
C GLN A 82 4.70 -13.02 -2.92
N MET A 83 5.72 -13.27 -2.10
CA MET A 83 7.00 -12.59 -2.27
C MET A 83 8.09 -13.62 -2.43
N LYS A 84 8.81 -13.54 -3.54
CA LYS A 84 9.95 -14.40 -3.83
C LYS A 84 11.14 -13.51 -4.14
N GLY A 85 12.33 -14.11 -4.09
CA GLY A 85 13.56 -13.37 -4.33
C GLY A 85 13.69 -12.13 -3.49
N LEU A 86 13.30 -12.20 -2.21
CA LEU A 86 13.29 -11.02 -1.34
C LEU A 86 14.69 -10.44 -1.21
N ARG A 87 14.76 -9.11 -1.22
CA ARG A 87 16.01 -8.39 -1.05
C ARG A 87 15.94 -7.58 0.24
N ALA A 88 17.11 -7.16 0.74
CA ALA A 88 17.13 -6.36 1.96
C ALA A 88 16.32 -5.08 1.79
N GLU A 89 16.36 -4.47 0.61
CA GLU A 89 15.58 -3.25 0.40
C GLU A 89 14.08 -3.49 0.48
N ASP A 90 13.63 -4.75 0.53
CA ASP A 90 12.22 -5.09 0.73
C ASP A 90 11.80 -5.06 2.19
N THR A 91 12.73 -4.81 3.11
CA THR A 91 12.39 -4.74 4.54
C THR A 91 11.46 -3.56 4.80
N ALA A 92 10.31 -3.83 5.42
CA ALA A 92 9.30 -2.80 5.61
C ALA A 92 8.15 -3.37 6.41
N VAL A 93 7.31 -2.49 6.91
CA VAL A 93 5.97 -2.86 7.33
C VAL A 93 5.08 -2.80 6.11
N TYR A 94 4.35 -3.89 5.86
CA TYR A 94 3.46 -4.01 4.71
C TYR A 94 2.01 -3.88 5.16
N TYR A 95 1.25 -3.05 4.47
CA TYR A 95 -0.15 -2.81 4.78
C TYR A 95 -0.99 -3.27 3.59
N CYS A 96 -2.05 -4.01 3.87
CA CYS A 96 -3.11 -4.14 2.90
C CYS A 96 -4.10 -3.00 3.11
N ALA A 97 -4.68 -2.52 2.01
CA ALA A 97 -5.72 -1.51 2.13
C ALA A 97 -6.82 -1.80 1.13
N ARG A 98 -8.01 -1.30 1.45
CA ARG A 98 -9.15 -1.43 0.51
C ARG A 98 -9.11 -0.29 -0.51
N ASP A 99 -9.62 -0.55 -1.71
CA ASP A 99 -9.66 0.45 -2.80
C ASP A 99 -8.25 0.67 -3.33
N GLY A 100 -7.94 1.88 -3.79
CA GLY A 100 -6.64 2.15 -4.41
C GLY A 100 -6.83 2.15 -5.92
N GLY A 101 -8.09 2.19 -6.28
CA GLY A 101 -8.59 1.65 -7.54
C GLY A 101 -9.07 2.72 -8.50
N TYR A 102 -9.69 2.30 -9.57
CA TYR A 102 -10.07 3.16 -10.73
C TYR A 102 -11.24 2.57 -11.54
N ASN A 103 -12.33 3.33 -11.64
CA ASN A 103 -13.49 2.94 -12.42
C ASN A 103 -13.37 3.62 -13.78
N ILE A 104 -13.20 2.80 -14.83
CA ILE A 104 -13.05 3.29 -16.19
C ILE A 104 -14.29 4.08 -16.61
N LEU A 105 -15.47 3.62 -16.17
CA LEU A 105 -16.75 4.18 -16.64
C LEU A 105 -16.91 5.63 -16.20
N THR A 106 -16.54 5.94 -14.96
CA THR A 106 -16.66 7.28 -14.41
C THR A 106 -15.31 7.99 -14.27
N ALA A 107 -14.21 7.33 -14.61
CA ALA A 107 -12.86 7.85 -14.42
C ALA A 107 -12.63 8.31 -12.99
N TYR A 108 -13.23 7.62 -12.03
CA TYR A 108 -13.10 7.97 -10.63
C TYR A 108 -12.18 6.99 -9.90
N TYR A 109 -11.28 7.56 -9.10
CA TYR A 109 -10.32 6.75 -8.30
C TYR A 109 -10.69 6.85 -6.83
N HIS A 110 -10.82 5.71 -6.17
CA HIS A 110 -11.08 5.69 -4.71
C HIS A 110 -9.73 5.49 -4.01
N ALA A 111 -9.39 6.39 -3.09
CA ALA A 111 -8.09 6.31 -2.39
C ALA A 111 -8.05 5.12 -1.43
N PRO A 112 -6.88 4.49 -1.23
CA PRO A 112 -6.75 3.43 -0.23
C PRO A 112 -7.46 3.97 1.03
N SER A 113 -8.41 3.21 1.55
CA SER A 113 -9.31 3.75 2.57
C SER A 113 -9.11 3.09 3.93
N TYR A 114 -9.57 1.86 4.11
CA TYR A 114 -9.35 1.11 5.34
C TYR A 114 -8.06 0.32 5.19
N TRP A 115 -7.28 0.27 6.27
CA TRP A 115 -5.94 -0.30 6.21
C TRP A 115 -5.83 -1.38 7.26
N GLY A 116 -5.19 -2.49 6.88
CA GLY A 116 -4.77 -3.49 7.84
C GLY A 116 -3.81 -2.90 8.86
N GLN A 117 -3.56 -3.68 9.90
CA GLN A 117 -2.72 -3.23 11.00
C GLN A 117 -1.24 -3.20 10.63
N GLY A 118 -0.86 -3.78 9.49
CA GLY A 118 0.56 -3.88 9.13
C GLY A 118 1.20 -5.14 9.67
N THR A 119 2.14 -5.69 8.90
CA THR A 119 2.98 -6.77 9.37
C THR A 119 4.40 -6.53 8.89
N LEU A 120 5.37 -6.89 9.75
CA LEU A 120 6.78 -6.60 9.51
C LEU A 120 7.41 -7.70 8.66
N VAL A 121 8.09 -7.29 7.60
CA VAL A 121 8.92 -8.17 6.77
C VAL A 121 10.37 -7.72 6.92
N THR A 122 11.23 -8.60 7.42
CA THR A 122 12.65 -8.32 7.57
C THR A 122 13.46 -9.28 6.70
N VAL A 123 14.26 -8.72 5.78
CA VAL A 123 15.12 -9.52 4.92
C VAL A 123 16.55 -9.22 5.34
N SER A 124 17.23 -10.20 5.95
CA SER A 124 18.55 -9.93 6.47
C SER A 124 19.43 -11.17 6.39
N SER A 125 20.69 -10.98 6.01
CA SER A 125 21.68 -12.03 6.05
C SER A 125 22.56 -11.94 7.28
N ALA A 126 22.27 -11.03 8.20
CA ALA A 126 23.17 -10.83 9.33
C ALA A 126 23.11 -12.03 10.28
N SER A 127 24.25 -12.36 10.87
CA SER A 127 24.29 -13.42 11.91
C SER A 127 24.84 -12.84 13.22
N THR A 128 24.39 -13.45 14.33
CA THR A 128 24.87 -13.03 15.68
C THR A 128 26.35 -12.67 15.57
N LYS A 129 26.75 -11.57 16.17
CA LYS A 129 28.11 -11.10 16.04
C LYS A 129 28.33 -10.10 17.15
N GLY A 130 29.41 -10.28 17.92
CA GLY A 130 29.72 -9.40 19.02
C GLY A 130 30.28 -8.11 18.49
N PRO A 131 30.10 -7.02 19.24
CA PRO A 131 30.59 -5.72 18.77
C PRO A 131 32.08 -5.60 18.92
N SER A 132 32.67 -4.77 18.07
CA SER A 132 33.97 -4.18 18.34
C SER A 132 33.74 -2.84 19.01
N VAL A 133 34.50 -2.58 20.06
CA VAL A 133 34.33 -1.37 20.85
C VAL A 133 35.56 -0.49 20.66
N PHE A 134 35.34 0.76 20.21
CA PHE A 134 36.44 1.68 20.04
C PHE A 134 36.26 2.91 20.92
N PRO A 135 37.31 3.38 21.57
CA PRO A 135 37.18 4.58 22.40
C PRO A 135 37.06 5.82 21.53
N LEU A 136 36.18 6.74 21.94
CA LEU A 136 35.99 8.02 21.27
C LEU A 136 36.60 9.10 22.17
N ALA A 137 37.82 9.53 21.84
CA ALA A 137 38.59 10.36 22.75
C ALA A 137 38.11 11.80 22.74
N PRO A 138 38.25 12.52 23.86
CA PRO A 138 37.92 13.94 23.90
C PRO A 138 39.07 14.79 23.36
N SER A 139 38.77 16.08 23.19
CA SER A 139 39.77 17.06 22.76
C SER A 139 39.43 18.45 23.30
N GLY A 145 31.10 23.11 26.46
CA GLY A 145 30.76 24.30 27.24
C GLY A 145 31.27 24.25 28.67
N GLY A 146 32.59 24.38 28.82
CA GLY A 146 33.24 24.01 30.06
C GLY A 146 33.42 22.51 30.26
N THR A 147 32.93 21.68 29.35
CA THR A 147 32.93 20.23 29.50
C THR A 147 33.51 19.58 28.25
N ALA A 148 33.91 18.33 28.39
CA ALA A 148 34.48 17.56 27.29
C ALA A 148 33.64 16.32 27.03
N ALA A 149 33.47 15.97 25.76
CA ALA A 149 32.70 14.80 25.38
C ALA A 149 33.66 13.70 24.92
N LEU A 150 33.53 12.54 25.57
CA LEU A 150 34.33 11.34 25.18
C LEU A 150 33.33 10.20 25.18
N GLY A 151 33.61 9.10 24.46
CA GLY A 151 32.61 8.06 24.37
C GLY A 151 33.15 6.71 23.94
N CYS A 152 32.21 5.86 23.57
CA CYS A 152 32.49 4.52 23.10
C CYS A 152 31.64 4.25 21.87
N LEU A 153 32.29 3.90 20.78
CA LEU A 153 31.63 3.42 19.58
C LEU A 153 31.48 1.89 19.68
N VAL A 154 30.24 1.42 19.70
CA VAL A 154 29.95 0.00 19.81
C VAL A 154 29.49 -0.47 18.43
N LYS A 155 30.40 -1.08 17.68
CA LYS A 155 30.26 -1.19 16.25
C LYS A 155 30.08 -2.63 15.78
N ASP A 156 29.18 -2.83 14.81
CA ASP A 156 29.09 -4.06 14.02
C ASP A 156 28.68 -5.27 14.87
N TYR A 157 27.49 -5.18 15.47
CA TYR A 157 26.99 -6.28 16.27
C TYR A 157 25.62 -6.70 15.78
N PHE A 158 25.17 -7.87 16.25
CA PHE A 158 23.86 -8.39 15.89
C PHE A 158 23.52 -9.55 16.82
N PRO A 159 22.27 -9.66 17.25
CA PRO A 159 21.20 -8.70 17.09
C PRO A 159 21.29 -7.63 18.17
N GLU A 160 20.29 -6.75 18.26
CA GLU A 160 20.10 -5.95 19.45
C GLU A 160 19.70 -6.85 20.61
N PRO A 161 19.91 -6.41 21.86
CA PRO A 161 20.54 -5.16 22.26
C PRO A 161 21.96 -5.32 22.74
N VAL A 162 22.51 -4.16 23.08
CA VAL A 162 23.76 -4.00 23.80
C VAL A 162 23.42 -3.20 25.06
N THR A 163 24.14 -3.47 26.14
CA THR A 163 24.10 -2.59 27.30
C THR A 163 25.46 -1.92 27.47
N VAL A 164 25.44 -0.64 27.80
CA VAL A 164 26.66 0.13 28.07
C VAL A 164 26.48 0.84 29.41
N SER A 165 27.48 0.72 30.27
CA SER A 165 27.60 1.53 31.46
C SER A 165 29.02 2.07 31.54
N TRP A 166 29.23 3.04 32.42
CA TRP A 166 30.52 3.68 32.57
C TRP A 166 31.01 3.50 33.99
N ASN A 167 32.27 3.07 34.12
CA ASN A 167 32.87 2.78 35.42
C ASN A 167 32.01 1.80 36.21
N SER A 168 31.49 0.78 35.50
CA SER A 168 30.68 -0.28 36.08
C SER A 168 29.44 0.25 36.79
N GLY A 169 28.89 1.36 36.30
CA GLY A 169 27.71 1.96 36.89
C GLY A 169 27.96 3.12 37.82
N ALA A 170 29.23 3.38 38.19
CA ALA A 170 29.52 4.49 39.09
C ALA A 170 29.30 5.84 38.42
N LEU A 171 29.63 5.94 37.11
CA LEU A 171 29.37 7.18 36.35
C LEU A 171 28.02 7.06 35.63
N THR A 172 27.04 7.88 35.99
CA THR A 172 25.69 7.82 35.38
C THR A 172 25.28 9.22 34.92
N SER A 173 25.97 10.25 35.39
CA SER A 173 25.60 11.65 35.05
C SER A 173 26.37 12.13 33.82
N GLY A 174 25.68 12.74 32.87
CA GLY A 174 26.32 13.17 31.61
C GLY A 174 26.40 12.03 30.63
N VAL A 175 25.81 10.88 30.97
CA VAL A 175 25.90 9.68 30.10
C VAL A 175 24.70 9.64 29.17
N HIS A 176 24.96 9.66 27.86
CA HIS A 176 23.91 9.55 26.86
C HIS A 176 24.27 8.43 25.90
N THR A 177 23.56 7.31 25.99
CA THR A 177 23.69 6.20 25.04
C THR A 177 22.63 6.37 23.96
N PHE A 178 23.07 6.55 22.71
CA PHE A 178 22.19 6.83 21.59
C PHE A 178 21.66 5.54 21.00
N PRO A 179 20.44 5.55 20.46
CA PRO A 179 19.92 4.34 19.80
C PRO A 179 20.68 3.99 18.53
N ALA A 180 20.62 2.71 18.16
CA ALA A 180 21.51 2.15 17.16
C ALA A 180 21.12 2.55 15.74
N VAL A 181 22.12 2.59 14.85
CA VAL A 181 21.87 2.58 13.41
C VAL A 181 21.89 1.14 12.94
N LEU A 182 21.12 0.86 11.90
CA LEU A 182 21.22 -0.38 11.15
C LEU A 182 22.00 -0.08 9.87
N GLN A 183 23.19 -0.66 9.76
CA GLN A 183 24.05 -0.48 8.60
C GLN A 183 23.54 -1.29 7.41
N SER A 184 24.11 -1.01 6.24
CA SER A 184 23.75 -1.79 5.06
C SER A 184 24.38 -3.18 5.06
N SER A 185 25.37 -3.42 5.92
CA SER A 185 25.85 -4.79 6.11
C SER A 185 24.86 -5.66 6.88
N GLY A 186 23.79 -5.08 7.41
CA GLY A 186 22.88 -5.80 8.30
C GLY A 186 23.25 -5.75 9.76
N LEU A 187 24.37 -5.12 10.11
CA LEU A 187 24.85 -5.05 11.47
C LEU A 187 24.52 -3.70 12.10
N TYR A 188 24.41 -3.70 13.43
CA TYR A 188 24.08 -2.51 14.19
C TYR A 188 25.34 -1.83 14.71
N SER A 189 25.23 -0.53 14.95
CA SER A 189 26.23 0.20 15.70
C SER A 189 25.52 1.21 16.58
N LEU A 190 26.08 1.47 17.76
CA LEU A 190 25.62 2.60 18.54
C LEU A 190 26.80 3.29 19.21
N SER A 191 26.50 4.41 19.85
CA SER A 191 27.51 5.19 20.56
C SER A 191 26.97 5.60 21.91
N SER A 192 27.84 5.55 22.91
CA SER A 192 27.56 5.99 24.26
C SER A 192 28.57 7.09 24.57
N VAL A 193 28.07 8.26 24.96
CA VAL A 193 28.91 9.42 25.18
C VAL A 193 28.68 9.91 26.59
N VAL A 194 29.76 10.31 27.26
CA VAL A 194 29.68 10.99 28.54
C VAL A 194 30.30 12.37 28.38
N THR A 195 29.59 13.36 28.92
CA THR A 195 30.09 14.76 28.97
C THR A 195 30.68 14.94 30.37
N VAL A 196 31.95 15.26 30.48
CA VAL A 196 32.63 15.31 31.78
C VAL A 196 33.26 16.69 31.91
N PRO A 197 33.54 17.12 33.13
CA PRO A 197 34.30 18.36 33.29
C PRO A 197 35.63 18.29 32.57
N SER A 198 36.02 19.42 31.96
CA SER A 198 37.31 19.48 31.22
C SER A 198 38.46 19.28 32.21
N GLY A 202 42.38 14.13 32.37
CA GLY A 202 43.78 13.92 32.83
C GLY A 202 43.82 13.50 34.27
N THR A 203 42.67 13.59 34.95
CA THR A 203 42.62 13.25 36.39
C THR A 203 41.78 11.99 36.59
N GLN A 204 40.54 12.00 36.10
CA GLN A 204 39.62 10.84 36.28
C GLN A 204 39.82 9.85 35.13
N THR A 205 39.81 8.55 35.43
CA THR A 205 39.88 7.55 34.38
C THR A 205 38.47 7.17 33.98
N TYR A 206 38.20 7.14 32.67
CA TYR A 206 36.86 6.86 32.17
C TYR A 206 36.88 5.55 31.40
N ILE A 207 35.97 4.64 31.75
CA ILE A 207 35.91 3.29 31.21
C ILE A 207 34.47 2.96 30.87
N CYS A 208 34.23 2.45 29.67
CA CYS A 208 32.90 2.02 29.27
C CYS A 208 32.84 0.49 29.23
N ASN A 209 31.75 -0.06 29.78
CA ASN A 209 31.54 -1.50 29.85
C ASN A 209 30.43 -1.88 28.89
N VAL A 210 30.77 -2.63 27.85
CA VAL A 210 29.85 -3.01 26.79
C VAL A 210 29.50 -4.49 26.94
N ASN A 211 28.20 -4.76 26.97
CA ASN A 211 27.73 -6.16 27.14
C ASN A 211 26.76 -6.55 26.02
N HIS A 212 27.09 -7.59 25.27
CA HIS A 212 26.24 -8.13 24.21
C HIS A 212 25.95 -9.58 24.59
N LYS A 213 24.80 -9.82 25.19
CA LYS A 213 24.49 -11.19 25.64
C LYS A 213 24.35 -12.19 24.50
N PRO A 214 23.70 -11.86 23.37
CA PRO A 214 23.59 -12.87 22.29
C PRO A 214 24.91 -13.51 21.89
N SER A 215 26.00 -12.77 21.87
CA SER A 215 27.32 -13.34 21.62
C SER A 215 28.10 -13.64 22.89
N ASN A 216 27.51 -13.42 24.07
CA ASN A 216 28.21 -13.57 25.34
C ASN A 216 29.51 -12.76 25.33
N THR A 217 29.45 -11.60 24.69
CA THR A 217 30.58 -10.68 24.63
C THR A 217 30.53 -9.75 25.83
N LYS A 218 31.67 -9.55 26.47
CA LYS A 218 31.84 -8.47 27.43
C LYS A 218 33.17 -7.80 27.15
N VAL A 219 33.16 -6.47 27.19
CA VAL A 219 34.36 -5.70 26.85
C VAL A 219 34.34 -4.40 27.64
N ASP A 220 35.47 -4.08 28.26
CA ASP A 220 35.71 -2.81 28.91
C ASP A 220 36.76 -2.07 28.11
N LYS A 221 36.46 -0.82 27.78
CA LYS A 221 37.42 -0.01 27.00
C LYS A 221 37.72 1.28 27.78
N ARG A 222 39.00 1.57 27.97
CA ARG A 222 39.40 2.83 28.63
C ARG A 222 39.42 3.94 27.58
N VAL A 223 38.77 5.05 27.87
CA VAL A 223 38.78 6.22 26.93
C VAL A 223 39.68 7.30 27.52
N GLU A 224 40.71 7.69 26.78
CA GLU A 224 41.67 8.72 27.25
C GLU A 224 41.87 9.77 26.16
N PRO A 225 42.30 11.00 26.49
CA PRO A 225 42.60 12.00 25.46
C PRO A 225 43.80 11.62 24.58
N LEU B 14 -42.43 -22.77 -36.97
CA LEU B 14 -41.05 -22.86 -36.45
C LEU B 14 -40.64 -21.61 -35.66
N CYS B 15 -40.13 -21.82 -34.45
CA CYS B 15 -39.86 -20.72 -33.53
C CYS B 15 -38.79 -19.79 -34.10
N PRO B 16 -39.00 -18.46 -34.03
CA PRO B 16 -38.03 -17.51 -34.61
C PRO B 16 -36.82 -17.29 -33.71
N PHE B 17 -35.99 -18.34 -33.59
CA PHE B 17 -34.81 -18.25 -32.72
C PHE B 17 -33.76 -17.32 -33.28
N GLY B 18 -33.65 -17.22 -34.60
CA GLY B 18 -32.68 -16.33 -35.19
C GLY B 18 -32.88 -14.89 -34.78
N GLU B 19 -34.11 -14.52 -34.42
CA GLU B 19 -34.34 -13.15 -33.95
C GLU B 19 -33.58 -12.87 -32.67
N VAL B 20 -33.32 -13.90 -31.88
CA VAL B 20 -32.51 -13.81 -30.67
C VAL B 20 -31.04 -14.11 -30.96
N PHE B 21 -30.77 -15.26 -31.59
CA PHE B 21 -29.38 -15.77 -31.65
C PHE B 21 -28.56 -14.93 -32.63
N ASN B 22 -29.18 -14.46 -33.71
CA ASN B 22 -28.46 -13.76 -34.80
C ASN B 22 -28.68 -12.25 -34.69
N ALA B 23 -29.26 -11.80 -33.59
CA ALA B 23 -29.37 -10.36 -33.29
C ALA B 23 -28.02 -9.68 -33.53
N THR B 24 -28.03 -8.49 -34.14
CA THR B 24 -26.81 -7.77 -34.44
C THR B 24 -26.12 -7.29 -33.18
N ARG B 25 -26.88 -6.75 -32.23
CA ARG B 25 -26.35 -6.26 -30.96
C ARG B 25 -27.03 -6.98 -29.81
N PHE B 26 -26.26 -7.24 -28.77
CA PHE B 26 -26.74 -7.92 -27.57
C PHE B 26 -26.71 -6.94 -26.40
N ALA B 27 -27.59 -7.19 -25.42
CA ALA B 27 -27.64 -6.37 -24.20
C ALA B 27 -26.43 -6.63 -23.31
N SER B 28 -26.14 -5.65 -22.44
CA SER B 28 -25.28 -5.89 -21.28
C SER B 28 -25.98 -6.81 -20.29
N VAL B 29 -25.22 -7.57 -19.52
CA VAL B 29 -25.83 -8.60 -18.61
C VAL B 29 -26.69 -7.96 -17.52
N TYR B 30 -26.33 -6.79 -16.97
CA TYR B 30 -27.20 -6.14 -15.99
C TYR B 30 -28.51 -5.72 -16.61
N ALA B 31 -28.52 -5.44 -17.91
CA ALA B 31 -29.71 -4.99 -18.64
C ALA B 31 -30.22 -6.08 -19.58
N TRP B 32 -30.11 -7.34 -19.15
CA TRP B 32 -30.38 -8.48 -20.02
C TRP B 32 -31.75 -8.36 -20.70
N ASN B 33 -31.80 -8.76 -21.97
CA ASN B 33 -33.03 -8.70 -22.74
C ASN B 33 -33.79 -10.03 -22.67
N ARG B 34 -35.11 -9.97 -22.85
CA ARG B 34 -35.95 -11.18 -22.85
C ARG B 34 -36.92 -11.15 -24.03
N LYS B 35 -37.03 -12.27 -24.74
CA LYS B 35 -38.05 -12.45 -25.76
C LYS B 35 -38.91 -13.65 -25.43
N ARG B 36 -40.22 -13.43 -25.37
CA ARG B 36 -41.14 -14.55 -25.16
C ARG B 36 -41.35 -15.26 -26.49
N ILE B 37 -41.28 -16.57 -26.44
CA ILE B 37 -41.44 -17.41 -27.62
C ILE B 37 -42.59 -18.37 -27.33
N SER B 38 -43.58 -18.39 -28.22
CA SER B 38 -44.75 -19.21 -28.03
C SER B 38 -45.38 -19.47 -29.40
N ASN B 39 -46.16 -20.56 -29.46
CA ASN B 39 -46.97 -20.89 -30.63
C ASN B 39 -46.10 -21.23 -31.84
N CYS B 40 -45.17 -22.15 -31.64
CA CYS B 40 -44.20 -22.47 -32.69
C CYS B 40 -43.51 -23.79 -32.35
N VAL B 41 -42.94 -24.43 -33.36
CA VAL B 41 -42.19 -25.66 -33.16
C VAL B 41 -40.71 -25.32 -33.00
N ALA B 42 -40.13 -25.73 -31.87
CA ALA B 42 -38.73 -25.51 -31.58
C ALA B 42 -37.93 -26.74 -31.99
N ASP B 43 -37.06 -26.59 -32.98
CA ASP B 43 -36.19 -27.68 -33.44
C ASP B 43 -34.77 -27.40 -32.94
N TYR B 44 -34.36 -28.11 -31.89
CA TYR B 44 -33.09 -27.83 -31.23
C TYR B 44 -31.91 -28.55 -31.87
N SER B 45 -32.14 -29.65 -32.58
CA SER B 45 -31.04 -30.21 -33.36
C SER B 45 -30.67 -29.25 -34.51
N VAL B 46 -31.65 -28.54 -35.07
CA VAL B 46 -31.34 -27.53 -36.07
C VAL B 46 -30.66 -26.34 -35.42
N LEU B 47 -31.11 -25.94 -34.23
CA LEU B 47 -30.46 -24.85 -33.53
C LEU B 47 -29.01 -25.19 -33.19
N TYR B 48 -28.78 -26.41 -32.71
CA TYR B 48 -27.45 -26.83 -32.27
C TYR B 48 -26.47 -26.89 -33.43
N ASN B 49 -26.90 -27.47 -34.55
CA ASN B 49 -26.04 -27.57 -35.71
C ASN B 49 -26.02 -26.29 -36.53
N SER B 50 -26.76 -25.26 -36.12
CA SER B 50 -26.78 -24.01 -36.88
C SER B 50 -25.51 -23.21 -36.70
N ALA B 51 -24.82 -23.38 -35.58
CA ALA B 51 -23.72 -22.47 -35.23
C ALA B 51 -22.61 -23.23 -34.49
N SER B 52 -21.59 -22.48 -34.11
CA SER B 52 -20.46 -23.00 -33.35
C SER B 52 -20.62 -22.59 -31.89
N PHE B 53 -21.58 -23.22 -31.24
CA PHE B 53 -21.78 -22.97 -29.82
C PHE B 53 -20.66 -23.61 -29.02
N SER B 54 -20.12 -22.86 -28.08
CA SER B 54 -19.14 -23.38 -27.15
C SER B 54 -19.75 -23.85 -25.85
N THR B 55 -20.96 -23.42 -25.54
CA THR B 55 -21.71 -23.94 -24.41
C THR B 55 -23.12 -24.27 -24.87
N PHE B 56 -23.56 -25.48 -24.57
CA PHE B 56 -24.94 -25.88 -24.85
C PHE B 56 -25.30 -26.92 -23.80
N LYS B 57 -25.87 -26.45 -22.70
CA LYS B 57 -26.14 -27.27 -21.54
C LYS B 57 -27.57 -27.02 -21.08
N CYS B 58 -28.19 -28.05 -20.48
CA CYS B 58 -29.58 -27.93 -20.05
C CYS B 58 -29.74 -28.35 -18.60
N TYR B 59 -30.88 -28.00 -18.02
CA TYR B 59 -31.18 -28.26 -16.62
C TYR B 59 -32.63 -28.72 -16.51
N GLY B 60 -32.87 -29.79 -15.75
CA GLY B 60 -34.20 -30.31 -15.62
C GLY B 60 -34.71 -31.00 -16.86
N VAL B 61 -33.83 -31.16 -17.85
CA VAL B 61 -34.17 -31.81 -19.10
C VAL B 61 -32.85 -32.30 -19.70
N SER B 62 -32.92 -33.36 -20.47
CA SER B 62 -31.74 -33.90 -21.12
C SER B 62 -31.53 -33.22 -22.47
N PRO B 63 -30.36 -32.65 -22.72
CA PRO B 63 -30.13 -31.96 -24.00
C PRO B 63 -30.49 -32.81 -25.21
N THR B 64 -30.34 -34.13 -25.11
CA THR B 64 -30.49 -35.00 -26.26
C THR B 64 -31.87 -35.65 -26.33
N LYS B 65 -32.82 -35.18 -25.51
CA LYS B 65 -34.22 -35.59 -25.59
C LYS B 65 -35.12 -34.36 -25.69
N LEU B 66 -34.63 -33.30 -26.35
CA LEU B 66 -35.34 -32.02 -26.35
C LEU B 66 -36.42 -31.91 -27.42
N ASN B 67 -36.37 -32.73 -28.47
CA ASN B 67 -37.31 -32.54 -29.56
C ASN B 67 -38.62 -33.28 -29.33
N ASP B 68 -38.80 -33.88 -28.17
CA ASP B 68 -40.08 -34.49 -27.82
C ASP B 68 -40.75 -33.77 -26.65
N LEU B 69 -40.42 -32.51 -26.42
CA LEU B 69 -40.94 -31.78 -25.27
C LEU B 69 -41.92 -30.70 -25.72
N CYS B 70 -42.97 -30.51 -24.92
CA CYS B 70 -43.92 -29.42 -25.09
C CYS B 70 -43.90 -28.56 -23.83
N PHE B 71 -43.99 -27.24 -24.03
CA PHE B 71 -44.07 -26.27 -22.94
C PHE B 71 -45.13 -25.23 -23.27
N THR B 72 -45.52 -24.47 -22.26
CA THR B 72 -46.50 -23.40 -22.46
C THR B 72 -45.87 -22.22 -23.19
N ASN B 73 -44.76 -21.71 -22.66
CA ASN B 73 -43.95 -20.70 -23.32
C ASN B 73 -42.49 -21.03 -23.09
N VAL B 74 -41.63 -20.42 -23.90
CA VAL B 74 -40.21 -20.38 -23.61
C VAL B 74 -39.75 -18.94 -23.70
N TYR B 75 -38.94 -18.53 -22.73
CA TYR B 75 -38.37 -17.19 -22.70
C TYR B 75 -36.90 -17.30 -23.06
N ALA B 76 -36.48 -16.46 -23.99
CA ALA B 76 -35.08 -16.37 -24.43
C ALA B 76 -34.50 -15.08 -23.86
N ASP B 77 -33.67 -15.20 -22.82
CA ASP B 77 -32.93 -14.08 -22.26
C ASP B 77 -31.52 -14.08 -22.88
N SER B 78 -31.01 -12.89 -23.20
CA SER B 78 -29.73 -12.80 -23.90
C SER B 78 -28.95 -11.58 -23.43
N PHE B 79 -27.64 -11.73 -23.42
CA PHE B 79 -26.68 -10.77 -22.88
C PHE B 79 -25.26 -11.21 -23.23
N VAL B 80 -24.30 -10.34 -22.94
CA VAL B 80 -22.88 -10.59 -23.18
C VAL B 80 -22.14 -10.60 -21.85
N ILE B 81 -21.23 -11.57 -21.67
CA ILE B 81 -20.36 -11.71 -20.50
C ILE B 81 -19.00 -12.25 -20.94
N ARG B 82 -18.07 -12.35 -19.99
CA ARG B 82 -16.79 -13.01 -20.28
C ARG B 82 -17.00 -14.51 -20.38
N GLY B 83 -16.19 -15.16 -21.23
CA GLY B 83 -16.24 -16.62 -21.28
C GLY B 83 -16.04 -17.23 -19.91
N ASP B 84 -15.26 -16.59 -19.07
CA ASP B 84 -14.99 -17.18 -17.74
C ASP B 84 -16.23 -17.01 -16.83
N GLU B 85 -17.28 -16.33 -17.30
CA GLU B 85 -18.44 -16.15 -16.45
C GLU B 85 -19.64 -16.97 -16.90
N VAL B 86 -19.57 -17.62 -18.06
CA VAL B 86 -20.66 -18.48 -18.53
C VAL B 86 -20.98 -19.56 -17.49
N ARG B 87 -19.98 -20.02 -16.73
CA ARG B 87 -20.19 -20.97 -15.65
C ARG B 87 -21.14 -20.45 -14.58
N GLN B 88 -21.29 -19.12 -14.44
CA GLN B 88 -22.21 -18.56 -13.44
C GLN B 88 -23.66 -18.58 -13.93
N ILE B 89 -23.88 -18.75 -15.22
CA ILE B 89 -25.24 -18.77 -15.76
C ILE B 89 -25.82 -20.17 -15.59
N ALA B 90 -26.32 -20.44 -14.41
CA ALA B 90 -26.77 -21.78 -14.07
C ALA B 90 -27.41 -21.72 -12.69
N PRO B 91 -28.24 -22.69 -12.32
CA PRO B 91 -28.77 -22.70 -10.96
C PRO B 91 -27.67 -22.98 -9.95
N GLY B 92 -27.82 -22.41 -8.76
CA GLY B 92 -26.93 -22.74 -7.68
C GLY B 92 -25.54 -22.15 -7.80
N GLN B 93 -25.37 -21.10 -8.57
CA GLN B 93 -24.05 -20.52 -8.74
C GLN B 93 -23.95 -19.25 -7.93
N THR B 94 -22.75 -18.98 -7.44
CA THR B 94 -22.43 -17.73 -6.78
C THR B 94 -21.45 -16.95 -7.65
N GLY B 95 -21.22 -15.70 -7.27
CA GLY B 95 -20.42 -14.82 -8.10
C GLY B 95 -21.16 -13.55 -8.49
N LYS B 96 -20.40 -12.51 -8.82
CA LYS B 96 -21.00 -11.20 -9.10
C LYS B 96 -22.02 -11.27 -10.23
N ILE B 97 -21.82 -12.15 -11.21
CA ILE B 97 -22.78 -12.24 -12.32
C ILE B 97 -24.10 -12.82 -11.82
N ALA B 98 -24.03 -13.96 -11.15
CA ALA B 98 -25.24 -14.60 -10.65
C ALA B 98 -25.86 -13.81 -9.50
N ASP B 99 -25.05 -13.15 -8.68
CA ASP B 99 -25.58 -12.44 -7.52
C ASP B 99 -26.23 -11.11 -7.91
N TYR B 100 -25.59 -10.36 -8.80
CA TYR B 100 -25.99 -8.98 -9.04
C TYR B 100 -26.51 -8.69 -10.46
N ASN B 101 -26.44 -9.64 -11.39
CA ASN B 101 -26.69 -9.32 -12.78
C ASN B 101 -27.77 -10.19 -13.43
N TYR B 102 -27.63 -11.51 -13.33
CA TYR B 102 -28.60 -12.43 -13.93
C TYR B 102 -28.63 -13.71 -13.11
N LYS B 103 -29.78 -14.01 -12.52
CA LYS B 103 -29.91 -15.06 -11.54
C LYS B 103 -30.99 -16.05 -11.99
N LEU B 104 -30.63 -17.32 -12.02
CA LEU B 104 -31.49 -18.44 -12.32
C LEU B 104 -31.97 -19.10 -11.04
N PRO B 105 -33.23 -19.55 -10.98
CA PRO B 105 -33.70 -20.23 -9.76
C PRO B 105 -33.05 -21.60 -9.65
N ASP B 106 -33.10 -22.16 -8.43
CA ASP B 106 -32.46 -23.46 -8.19
C ASP B 106 -33.07 -24.57 -9.04
N ASP B 107 -34.37 -24.49 -9.31
CA ASP B 107 -35.10 -25.51 -10.04
C ASP B 107 -35.29 -25.14 -11.52
N PHE B 108 -34.40 -24.30 -12.04
CA PHE B 108 -34.40 -23.90 -13.44
C PHE B 108 -34.60 -25.10 -14.37
N THR B 109 -35.54 -24.96 -15.30
CA THR B 109 -35.72 -25.92 -16.39
C THR B 109 -35.52 -25.17 -17.71
N GLY B 110 -34.50 -25.55 -18.46
CA GLY B 110 -34.18 -24.85 -19.69
C GLY B 110 -32.75 -25.14 -20.10
N CYS B 111 -32.29 -24.38 -21.09
CA CYS B 111 -30.94 -24.55 -21.59
C CYS B 111 -30.19 -23.23 -21.60
N VAL B 112 -28.88 -23.32 -21.40
CA VAL B 112 -27.97 -22.19 -21.48
C VAL B 112 -27.06 -22.44 -22.67
N ILE B 113 -27.00 -21.46 -23.58
CA ILE B 113 -26.26 -21.56 -24.83
C ILE B 113 -25.37 -20.33 -24.96
N ALA B 114 -24.13 -20.54 -25.41
CA ALA B 114 -23.19 -19.45 -25.50
C ALA B 114 -22.21 -19.73 -26.62
N TRP B 115 -21.59 -18.65 -27.11
CA TRP B 115 -20.57 -18.75 -28.12
C TRP B 115 -19.65 -17.54 -27.99
N ASN B 116 -18.41 -17.74 -28.40
CA ASN B 116 -17.43 -16.66 -28.45
C ASN B 116 -17.86 -15.61 -29.46
N SER B 117 -17.88 -14.35 -29.03
CA SER B 117 -18.28 -13.24 -29.88
C SER B 117 -17.15 -12.23 -30.06
N ASN B 118 -15.91 -12.65 -29.85
CA ASN B 118 -14.78 -11.74 -29.95
C ASN B 118 -14.79 -10.97 -31.27
N ASN B 119 -15.15 -11.63 -32.37
CA ASN B 119 -15.09 -10.94 -33.66
C ASN B 119 -16.13 -9.84 -33.80
N LEU B 120 -17.23 -9.94 -33.07
CA LEU B 120 -18.30 -8.95 -33.11
C LEU B 120 -18.19 -7.92 -32.00
N ASP B 121 -17.87 -8.37 -30.79
CA ASP B 121 -18.05 -7.55 -29.61
C ASP B 121 -16.75 -6.94 -29.08
N SER B 122 -15.60 -7.31 -29.60
CA SER B 122 -14.37 -6.64 -29.18
C SER B 122 -14.10 -5.45 -30.08
N LYS B 123 -13.27 -4.54 -29.57
CA LYS B 123 -12.86 -3.34 -30.30
C LYS B 123 -11.44 -3.00 -29.87
N VAL B 124 -10.58 -2.69 -30.85
CA VAL B 124 -9.24 -2.23 -30.51
C VAL B 124 -9.33 -1.05 -29.57
N GLY B 125 -8.43 -1.02 -28.59
CA GLY B 125 -8.56 0.00 -27.57
C GLY B 125 -9.73 -0.18 -26.65
N GLY B 126 -10.35 -1.36 -26.66
CA GLY B 126 -11.43 -1.67 -25.73
C GLY B 126 -12.80 -1.30 -26.27
N ASN B 127 -13.76 -2.20 -26.12
CA ASN B 127 -15.18 -1.89 -26.26
C ASN B 127 -15.73 -1.77 -24.85
N TYR B 128 -16.09 -0.56 -24.45
CA TYR B 128 -16.57 -0.30 -23.11
C TYR B 128 -18.09 -0.24 -23.04
N ASN B 129 -18.78 -0.61 -24.11
CA ASN B 129 -20.24 -0.54 -24.10
C ASN B 129 -20.86 -1.62 -23.23
N TYR B 130 -20.20 -2.77 -23.08
CA TYR B 130 -20.80 -3.86 -22.30
C TYR B 130 -20.47 -3.67 -20.83
N LEU B 131 -21.50 -3.63 -20.00
CA LEU B 131 -21.39 -3.29 -18.59
C LEU B 131 -21.87 -4.44 -17.73
N TYR B 132 -21.51 -4.39 -16.45
CA TYR B 132 -22.03 -5.32 -15.46
C TYR B 132 -22.13 -4.59 -14.14
N ARG B 133 -23.01 -5.10 -13.26
CA ARG B 133 -23.19 -4.52 -11.93
C ARG B 133 -22.16 -5.14 -10.98
N LEU B 134 -21.57 -4.29 -10.17
CA LEU B 134 -20.51 -4.64 -9.25
C LEU B 134 -20.90 -4.53 -7.79
N PHE B 135 -21.78 -3.58 -7.46
CA PHE B 135 -22.27 -3.34 -6.11
C PHE B 135 -23.78 -3.53 -6.10
N ARG B 136 -24.29 -4.15 -5.03
CA ARG B 136 -25.73 -4.14 -4.79
C ARG B 136 -25.97 -4.44 -3.32
N LYS B 137 -27.05 -3.85 -2.79
CA LYS B 137 -27.38 -4.07 -1.39
C LYS B 137 -27.73 -5.53 -1.09
N SER B 138 -28.19 -6.29 -2.09
CA SER B 138 -28.55 -7.68 -1.87
C SER B 138 -28.52 -8.41 -3.22
N ASN B 139 -28.59 -9.73 -3.15
CA ASN B 139 -28.58 -10.56 -4.34
C ASN B 139 -29.91 -10.45 -5.08
N LEU B 140 -29.84 -10.59 -6.40
CA LEU B 140 -31.03 -10.66 -7.22
C LEU B 140 -31.85 -11.89 -6.87
N LYS B 141 -33.16 -11.73 -6.93
CA LYS B 141 -34.04 -12.88 -6.99
C LYS B 141 -33.95 -13.46 -8.40
N PRO B 142 -34.39 -14.70 -8.59
CA PRO B 142 -34.32 -15.28 -9.94
C PRO B 142 -35.07 -14.41 -10.93
N PHE B 143 -34.46 -14.18 -12.09
CA PHE B 143 -35.04 -13.40 -13.19
C PHE B 143 -35.34 -11.95 -12.80
N GLU B 144 -34.73 -11.45 -11.74
CA GLU B 144 -34.85 -10.03 -11.47
C GLU B 144 -33.88 -9.27 -12.38
N ARG B 145 -34.23 -8.02 -12.70
CA ARG B 145 -33.46 -7.20 -13.63
C ARG B 145 -33.26 -5.82 -13.03
N ASP B 146 -32.02 -5.49 -12.67
CA ASP B 146 -31.70 -4.24 -11.97
C ASP B 146 -30.89 -3.35 -12.90
N ILE B 147 -31.52 -2.26 -13.35
CA ILE B 147 -30.92 -1.27 -14.24
C ILE B 147 -30.55 0.00 -13.50
N SER B 148 -30.74 0.05 -12.18
CA SER B 148 -30.49 1.28 -11.47
C SER B 148 -29.03 1.69 -11.61
N THR B 149 -28.79 3.00 -11.62
CA THR B 149 -27.44 3.53 -11.53
C THR B 149 -27.26 4.41 -10.29
N GLU B 150 -28.18 4.33 -9.34
CA GLU B 150 -28.01 4.98 -8.05
C GLU B 150 -26.61 4.68 -7.46
N ILE B 151 -25.92 5.74 -7.01
CA ILE B 151 -24.66 5.56 -6.29
C ILE B 151 -24.89 4.60 -5.13
N TYR B 152 -24.04 3.58 -5.03
CA TYR B 152 -24.12 2.63 -3.94
C TYR B 152 -23.49 3.20 -2.67
N GLN B 153 -24.26 3.21 -1.59
CA GLN B 153 -23.82 3.74 -0.30
C GLN B 153 -23.29 2.59 0.53
N ALA B 154 -21.97 2.48 0.64
CA ALA B 154 -21.34 1.38 1.35
C ALA B 154 -21.20 1.64 2.83
N GLY B 155 -21.26 2.91 3.26
CA GLY B 155 -21.09 3.27 4.65
C GLY B 155 -22.33 3.97 5.16
N SER B 156 -22.21 4.73 6.24
CA SER B 156 -23.38 5.39 6.82
C SER B 156 -23.59 6.80 6.29
N THR B 157 -22.62 7.35 5.58
CA THR B 157 -22.77 8.71 5.07
C THR B 157 -23.56 8.70 3.77
N PRO B 158 -24.58 9.55 3.62
CA PRO B 158 -25.31 9.60 2.35
C PRO B 158 -24.40 10.12 1.24
N CYS B 159 -24.60 9.59 0.04
CA CYS B 159 -23.71 9.87 -1.09
C CYS B 159 -24.09 11.10 -1.90
N ASN B 160 -25.31 11.61 -1.75
CA ASN B 160 -25.76 12.80 -2.47
C ASN B 160 -25.57 12.66 -3.99
N GLY B 161 -25.81 11.46 -4.51
CA GLY B 161 -25.66 11.20 -5.93
C GLY B 161 -24.26 11.29 -6.50
N VAL B 162 -23.20 11.43 -5.68
CA VAL B 162 -21.85 11.53 -6.22
C VAL B 162 -20.95 10.47 -5.61
N GLU B 163 -19.90 10.15 -6.35
CA GLU B 163 -18.89 9.21 -5.88
C GLU B 163 -18.02 9.83 -4.81
N GLY B 164 -17.50 8.98 -3.94
CA GLY B 164 -16.66 9.44 -2.85
C GLY B 164 -16.45 8.32 -1.86
N PHE B 165 -16.00 8.72 -0.67
CA PHE B 165 -15.72 7.78 0.40
C PHE B 165 -16.94 6.94 0.70
N ASN B 166 -16.80 5.62 0.53
CA ASN B 166 -17.87 4.66 0.74
C ASN B 166 -19.06 4.89 -0.19
N CYS B 167 -18.82 5.51 -1.34
CA CYS B 167 -19.87 5.84 -2.30
C CYS B 167 -19.42 5.46 -3.70
N TYR B 168 -20.02 4.42 -4.26
CA TYR B 168 -19.52 3.80 -5.48
C TYR B 168 -20.56 3.84 -6.59
N PHE B 169 -20.13 4.27 -7.76
CA PHE B 169 -20.93 4.03 -8.95
C PHE B 169 -21.06 2.52 -9.12
N PRO B 170 -22.29 2.00 -9.28
CA PRO B 170 -22.49 0.55 -9.14
C PRO B 170 -22.17 -0.28 -10.38
N LEU B 171 -21.89 0.33 -11.53
CA LEU B 171 -21.62 -0.44 -12.74
C LEU B 171 -20.15 -0.38 -13.11
N GLN B 172 -19.75 -1.45 -13.81
CA GLN B 172 -18.34 -1.58 -14.28
C GLN B 172 -18.36 -2.00 -15.75
N SER B 173 -17.37 -1.59 -16.53
CA SER B 173 -17.28 -1.88 -17.94
C SER B 173 -16.36 -3.09 -18.15
N TYR B 174 -16.75 -4.01 -19.02
CA TYR B 174 -15.78 -4.94 -19.60
C TYR B 174 -14.93 -4.16 -20.59
N GLY B 175 -13.65 -4.48 -20.65
CA GLY B 175 -12.87 -3.71 -21.60
C GLY B 175 -12.56 -4.51 -22.85
N PHE B 176 -13.56 -5.16 -23.44
CA PHE B 176 -13.32 -6.21 -24.42
C PHE B 176 -12.38 -5.79 -25.54
N GLN B 177 -11.17 -6.36 -25.52
CA GLN B 177 -10.18 -6.19 -26.53
C GLN B 177 -9.93 -7.51 -27.26
N PRO B 178 -9.67 -7.47 -28.57
CA PRO B 178 -9.51 -8.72 -29.31
C PRO B 178 -8.30 -9.53 -28.87
N THR B 179 -7.33 -8.91 -28.20
CA THR B 179 -6.16 -9.61 -27.70
C THR B 179 -6.36 -10.21 -26.32
N ASN B 180 -7.55 -10.08 -25.74
CA ASN B 180 -7.79 -10.66 -24.42
C ASN B 180 -7.59 -12.18 -24.46
N GLY B 181 -7.13 -12.72 -23.34
CA GLY B 181 -7.17 -14.16 -23.15
C GLY B 181 -8.57 -14.72 -23.31
N VAL B 182 -8.65 -16.04 -23.57
CA VAL B 182 -9.94 -16.62 -23.96
C VAL B 182 -10.96 -16.50 -22.82
N GLY B 183 -10.53 -16.66 -21.57
CA GLY B 183 -11.43 -16.42 -20.44
C GLY B 183 -11.99 -15.01 -20.42
N TYR B 184 -11.30 -14.05 -21.01
CA TYR B 184 -11.73 -12.66 -20.95
C TYR B 184 -12.35 -12.15 -22.23
N GLN B 185 -12.51 -12.98 -23.25
CA GLN B 185 -13.18 -12.56 -24.47
C GLN B 185 -14.69 -12.49 -24.27
N PRO B 186 -15.38 -11.70 -25.09
CA PRO B 186 -16.84 -11.62 -24.93
C PRO B 186 -17.54 -12.86 -25.48
N TYR B 187 -18.54 -13.32 -24.73
CA TYR B 187 -19.39 -14.42 -25.14
C TYR B 187 -20.83 -13.96 -25.15
N ARG B 188 -21.53 -14.19 -26.26
CA ARG B 188 -22.98 -13.99 -26.30
C ARG B 188 -23.66 -15.21 -25.69
N VAL B 189 -24.63 -14.96 -24.82
CA VAL B 189 -25.34 -16.00 -24.10
C VAL B 189 -26.83 -15.89 -24.39
N VAL B 190 -27.48 -17.03 -24.64
CA VAL B 190 -28.94 -17.13 -24.67
C VAL B 190 -29.36 -18.16 -23.63
N VAL B 191 -30.25 -17.75 -22.73
CA VAL B 191 -30.88 -18.64 -21.75
C VAL B 191 -32.32 -18.88 -22.22
N LEU B 192 -32.62 -20.11 -22.61
CA LEU B 192 -33.99 -20.52 -22.93
C LEU B 192 -34.62 -21.11 -21.67
N SER B 193 -35.67 -20.44 -21.17
CA SER B 193 -36.44 -20.91 -20.03
C SER B 193 -37.65 -21.69 -20.50
N PHE B 194 -37.80 -22.92 -20.02
CA PHE B 194 -38.90 -23.79 -20.42
C PHE B 194 -39.97 -23.72 -19.33
N GLU B 195 -41.05 -22.98 -19.61
CA GLU B 195 -42.12 -22.78 -18.65
C GLU B 195 -43.30 -23.70 -18.96
N LEU B 196 -43.90 -24.28 -17.91
CA LEU B 196 -45.11 -25.11 -18.11
C LEU B 196 -46.10 -24.86 -16.96
N LEU B 197 -47.16 -24.10 -17.21
CA LEU B 197 -48.14 -23.78 -16.18
C LEU B 197 -49.30 -24.78 -16.21
N ALA B 199 -52.40 -24.77 -18.25
CA ALA B 199 -52.32 -24.02 -19.51
C ALA B 199 -51.89 -24.92 -20.67
N PRO B 200 -52.56 -24.79 -21.82
CA PRO B 200 -52.17 -25.59 -23.00
C PRO B 200 -50.77 -25.24 -23.47
N ALA B 201 -50.10 -26.25 -24.04
CA ALA B 201 -48.73 -26.07 -24.51
C ALA B 201 -48.73 -25.45 -25.90
N THR B 202 -47.82 -24.49 -26.11
CA THR B 202 -47.74 -23.77 -27.37
C THR B 202 -46.36 -23.87 -28.03
N VAL B 203 -45.39 -24.51 -27.40
CA VAL B 203 -44.06 -24.71 -28.00
C VAL B 203 -43.69 -26.18 -27.86
N CYS B 204 -43.68 -26.89 -28.98
CA CYS B 204 -43.32 -28.29 -28.99
C CYS B 204 -42.15 -28.55 -29.93
N GLY B 205 -41.41 -29.62 -29.63
CA GLY B 205 -40.45 -30.14 -30.57
C GLY B 205 -41.18 -30.79 -31.73
N PRO B 206 -40.45 -31.18 -32.77
CA PRO B 206 -41.05 -31.71 -34.00
C PRO B 206 -41.66 -33.11 -33.87
N ALA C 3 8.64 10.70 -4.37
CA ALA C 3 7.95 11.00 -5.63
C ALA C 3 7.14 12.31 -5.55
N LEU C 4 6.38 12.50 -4.48
CA LEU C 4 5.82 13.80 -4.15
C LEU C 4 6.71 14.47 -3.11
N THR C 5 6.68 15.80 -3.07
CA THR C 5 7.57 16.57 -2.20
C THR C 5 6.76 17.29 -1.12
N GLN C 6 7.00 16.93 0.13
CA GLN C 6 6.40 17.60 1.27
C GLN C 6 7.48 17.90 2.30
N PRO C 7 7.26 18.92 3.14
CA PRO C 7 8.27 19.24 4.16
C PRO C 7 8.47 18.06 5.09
N ALA C 8 9.73 17.86 5.49
CA ALA C 8 10.03 16.87 6.52
C ALA C 8 9.24 17.16 7.79
N SER C 9 9.15 18.43 8.17
CA SER C 9 8.43 18.71 9.39
C SER C 9 7.90 20.14 9.39
N VAL C 10 6.79 20.32 10.09
CA VAL C 10 6.20 21.62 10.37
C VAL C 10 5.82 21.62 11.84
N SER C 11 5.87 22.81 12.45
CA SER C 11 5.44 22.98 13.82
C SER C 11 4.49 24.16 13.93
N GLY C 12 3.58 24.09 14.91
CA GLY C 12 2.73 25.21 15.25
C GLY C 12 2.40 25.18 16.73
N SER C 13 1.94 26.32 17.23
CA SER C 13 1.51 26.35 18.63
C SER C 13 0.07 25.90 18.77
N PRO C 14 -0.31 25.40 19.94
CA PRO C 14 -1.71 24.96 20.14
C PRO C 14 -2.69 26.09 19.87
N GLY C 15 -3.74 25.78 19.10
CA GLY C 15 -4.73 26.74 18.70
C GLY C 15 -4.53 27.29 17.30
N GLN C 16 -3.32 27.21 16.76
CA GLN C 16 -3.04 27.83 15.48
C GLN C 16 -3.45 26.92 14.33
N SER C 17 -3.44 27.50 13.13
CA SER C 17 -3.48 26.75 11.89
C SER C 17 -2.07 26.52 11.35
N ILE C 18 -1.84 25.33 10.79
CA ILE C 18 -0.63 25.00 10.05
C ILE C 18 -1.02 24.46 8.69
N THR C 19 -0.09 24.59 7.74
CA THR C 19 -0.31 24.20 6.37
C THR C 19 0.86 23.37 5.88
N ILE C 20 0.56 22.20 5.33
CA ILE C 20 1.55 21.29 4.76
C ILE C 20 1.37 21.30 3.25
N SER C 21 2.42 21.69 2.52
CA SER C 21 2.39 21.65 1.06
C SER C 21 2.90 20.31 0.53
N CYS C 22 2.50 20.00 -0.70
CA CYS C 22 2.76 18.70 -1.31
C CYS C 22 2.82 18.95 -2.80
N THR C 23 4.03 18.95 -3.35
CA THR C 23 4.24 19.32 -4.75
C THR C 23 4.50 18.08 -5.58
N GLY C 24 3.80 17.99 -6.71
CA GLY C 24 3.92 16.88 -7.63
C GLY C 24 4.21 17.42 -9.02
N THR C 25 3.58 16.77 -9.99
CA THR C 25 3.79 17.21 -11.38
C THR C 25 2.45 17.17 -12.12
N SER C 26 2.47 17.62 -13.37
CA SER C 26 1.29 17.61 -14.21
C SER C 26 0.66 16.22 -14.36
N SER C 27 1.43 15.16 -14.14
CA SER C 27 0.88 13.81 -14.38
C SER C 27 0.42 13.22 -13.04
N ASP C 28 0.11 14.04 -12.01
CA ASP C 28 -0.43 13.49 -10.71
C ASP C 28 -1.18 14.56 -9.87
N VAL C 29 -0.52 15.30 -8.97
CA VAL C 29 -1.19 16.39 -8.25
C VAL C 29 -1.79 17.38 -9.26
N GLY C 30 -1.02 17.76 -10.28
CA GLY C 30 -1.54 18.67 -11.27
C GLY C 30 -2.44 18.05 -12.32
N GLY C 31 -2.60 16.73 -12.33
CA GLY C 31 -3.33 16.10 -13.42
C GLY C 31 -4.66 15.48 -13.05
N TYR C 32 -4.90 15.36 -11.75
CA TYR C 32 -6.15 14.80 -11.24
C TYR C 32 -6.59 15.64 -10.03
N ASN C 33 -7.84 15.48 -9.64
CA ASN C 33 -8.27 15.99 -8.35
C ASN C 33 -8.35 14.86 -7.34
N PHE C 34 -7.30 14.05 -7.33
CA PHE C 34 -7.26 12.80 -6.58
C PHE C 34 -6.16 12.83 -5.53
N VAL C 35 -5.97 13.98 -4.89
CA VAL C 35 -4.99 14.09 -3.82
C VAL C 35 -5.62 13.60 -2.54
N SER C 36 -4.89 12.80 -1.78
CA SER C 36 -5.35 12.29 -0.51
C SER C 36 -4.31 12.57 0.55
N TRP C 37 -4.77 12.78 1.79
CA TRP C 37 -3.88 12.98 2.91
C TRP C 37 -4.18 11.96 4.00
N TYR C 38 -3.12 11.35 4.53
CA TYR C 38 -3.23 10.35 5.59
C TYR C 38 -2.53 10.85 6.84
N ARG C 39 -3.13 10.56 7.99
CA ARG C 39 -2.49 10.73 9.28
C ARG C 39 -2.01 9.37 9.79
N GLN C 40 -0.83 9.34 10.40
CA GLN C 40 -0.28 8.10 10.94
C GLN C 40 0.38 8.40 12.28
N TYR C 41 -0.11 7.77 13.34
CA TYR C 41 0.55 7.77 14.63
C TYR C 41 1.59 6.64 14.70
N PRO C 42 2.60 6.78 15.56
CA PRO C 42 3.66 5.77 15.65
C PRO C 42 3.10 4.38 15.81
N GLY C 43 3.60 3.46 14.98
CA GLY C 43 3.18 2.08 15.06
C GLY C 43 1.77 1.79 14.59
N LYS C 44 1.06 2.76 14.06
CA LYS C 44 -0.30 2.55 13.58
C LYS C 44 -0.36 2.67 12.05
N ALA C 45 -1.43 2.12 11.50
CA ALA C 45 -1.69 2.21 10.08
C ALA C 45 -2.15 3.63 9.71
N PRO C 46 -1.87 4.07 8.48
CA PRO C 46 -2.39 5.36 8.01
C PRO C 46 -3.90 5.44 8.11
N GLN C 47 -4.40 6.67 8.25
CA GLN C 47 -5.84 6.94 8.29
C GLN C 47 -6.15 8.05 7.31
N LEU C 48 -7.12 7.80 6.42
CA LEU C 48 -7.45 8.75 5.37
C LEU C 48 -8.20 9.94 5.98
N MET C 49 -7.56 11.12 5.95
CA MET C 49 -8.13 12.34 6.51
C MET C 49 -8.77 13.25 5.44
N ILE C 50 -8.22 13.30 4.24
CA ILE C 50 -8.71 14.13 3.15
C ILE C 50 -8.55 13.33 1.86
N TYR C 51 -9.56 13.35 1.01
CA TYR C 51 -9.45 12.79 -0.33
C TYR C 51 -10.09 13.75 -1.31
N ASP C 52 -9.93 13.45 -2.62
CA ASP C 52 -10.32 14.38 -3.68
C ASP C 52 -9.93 15.82 -3.33
N VAL C 53 -8.67 15.98 -2.88
CA VAL C 53 -8.04 17.27 -2.59
C VAL C 53 -8.60 17.92 -1.33
N SER C 54 -9.93 17.91 -1.17
CA SER C 54 -10.54 18.71 -0.11
C SER C 54 -11.70 18.03 0.61
N ARG C 55 -12.01 16.76 0.33
CA ARG C 55 -13.20 16.14 0.90
C ARG C 55 -12.86 15.38 2.18
N ARG C 56 -13.83 15.35 3.10
CA ARG C 56 -13.64 14.73 4.40
C ARG C 56 -14.39 13.41 4.48
N PRO C 57 -13.72 12.31 4.80
CA PRO C 57 -14.47 11.06 5.00
C PRO C 57 -15.42 11.11 6.19
N SER C 58 -15.11 11.83 7.26
CA SER C 58 -15.96 11.87 8.44
C SER C 58 -15.67 13.14 9.22
N GLY C 59 -16.42 13.32 10.31
CA GLY C 59 -16.20 14.45 11.22
C GLY C 59 -14.84 14.45 11.89
N ASP C 60 -14.08 13.36 11.80
CA ASP C 60 -12.70 13.30 12.36
C ASP C 60 -11.80 14.26 11.59
N SER C 61 -12.19 14.63 10.38
CA SER C 61 -11.45 15.58 9.57
C SER C 61 -12.03 17.00 9.64
N ASP C 62 -12.87 17.31 10.64
CA ASP C 62 -13.52 18.62 10.67
C ASP C 62 -12.50 19.77 10.76
N ARG C 63 -11.34 19.53 11.37
CA ARG C 63 -10.33 20.57 11.47
C ARG C 63 -9.31 20.53 10.33
N PHE C 64 -9.55 19.68 9.33
CA PHE C 64 -8.68 19.52 8.17
C PHE C 64 -9.35 20.12 6.95
N SER C 65 -8.55 20.76 6.09
CA SER C 65 -9.07 21.25 4.82
C SER C 65 -7.94 21.20 3.79
N GLY C 66 -8.33 21.00 2.53
CA GLY C 66 -7.38 20.85 1.46
C GLY C 66 -7.72 21.74 0.29
N SER C 67 -6.70 22.02 -0.49
CA SER C 67 -6.87 22.76 -1.73
C SER C 67 -5.66 22.44 -2.61
N LYS C 68 -5.67 22.97 -3.81
CA LYS C 68 -4.69 22.62 -4.83
C LYS C 68 -4.61 23.79 -5.79
N SER C 69 -3.40 24.17 -6.17
CA SER C 69 -3.19 25.07 -7.29
C SER C 69 -1.97 24.60 -8.07
N GLY C 70 -2.14 24.39 -9.37
CA GLY C 70 -1.04 23.88 -10.15
C GLY C 70 -0.67 22.50 -9.66
N ASN C 71 0.64 22.28 -9.49
CA ASN C 71 1.17 20.99 -9.10
C ASN C 71 1.42 20.88 -7.60
N THR C 72 0.87 21.78 -6.79
CA THR C 72 1.05 21.76 -5.34
C THR C 72 -0.31 21.67 -4.66
N ALA C 73 -0.44 20.71 -3.77
CA ALA C 73 -1.61 20.63 -2.90
C ALA C 73 -1.20 21.06 -1.50
N SER C 74 -2.19 21.43 -0.71
CA SER C 74 -1.98 21.93 0.64
C SER C 74 -3.01 21.31 1.56
N LEU C 75 -2.58 21.02 2.77
CA LEU C 75 -3.43 20.54 3.84
C LEU C 75 -3.30 21.53 4.97
N THR C 76 -4.43 22.01 5.49
CA THR C 76 -4.40 22.91 6.62
C THR C 76 -5.08 22.23 7.80
N ILE C 77 -4.43 22.28 8.94
CA ILE C 77 -5.01 21.83 10.20
C ILE C 77 -5.26 23.06 11.05
N SER C 78 -6.51 23.26 11.45
CA SER C 78 -6.84 24.39 12.29
C SER C 78 -7.04 23.95 13.73
N GLY C 79 -6.98 24.92 14.65
CA GLY C 79 -7.18 24.64 16.06
C GLY C 79 -6.28 23.53 16.55
N LEU C 80 -4.98 23.73 16.36
CA LEU C 80 -4.02 22.66 16.58
C LEU C 80 -4.07 22.16 18.03
N GLN C 81 -4.14 20.85 18.18
CA GLN C 81 -4.14 20.19 19.48
C GLN C 81 -2.92 19.30 19.60
N ALA C 82 -2.44 19.15 20.84
CA ALA C 82 -1.39 18.22 21.21
C ALA C 82 -1.50 16.88 20.48
N GLU C 83 -2.71 16.35 20.35
CA GLU C 83 -2.92 15.03 19.76
C GLU C 83 -2.82 15.04 18.25
N ASP C 84 -2.68 16.22 17.63
CA ASP C 84 -2.37 16.31 16.20
C ASP C 84 -0.92 15.94 15.88
N GLU C 85 -0.04 15.82 16.89
CA GLU C 85 1.33 15.39 16.62
C GLU C 85 1.32 14.00 16.02
N ALA C 86 1.80 13.91 14.79
CA ALA C 86 1.63 12.70 14.01
C ALA C 86 2.38 12.99 12.73
N GLU C 87 2.47 11.96 11.88
CA GLU C 87 3.00 12.06 10.53
C GLU C 87 1.83 12.22 9.57
N TYR C 88 1.99 13.10 8.59
CA TYR C 88 0.97 13.33 7.56
C TYR C 88 1.59 13.04 6.20
N HIS C 89 0.90 12.21 5.42
CA HIS C 89 1.36 11.72 4.13
C HIS C 89 0.39 12.24 3.07
N CYS C 90 0.93 12.94 2.08
CA CYS C 90 0.13 13.21 0.90
C CYS C 90 0.36 12.12 -0.15
N SER C 91 -0.60 12.03 -1.06
CA SER C 91 -0.60 10.98 -2.06
C SER C 91 -1.43 11.46 -3.22
N SER C 92 -1.23 10.87 -4.39
CA SER C 92 -2.03 11.19 -5.59
C SER C 92 -2.09 10.00 -6.55
N TYR C 93 -3.23 9.81 -7.20
CA TYR C 93 -3.33 8.80 -8.28
C TYR C 93 -2.46 9.30 -9.43
N THR C 94 -1.90 8.39 -10.22
CA THR C 94 -1.02 8.76 -11.34
C THR C 94 -1.54 8.17 -12.64
N GLY C 95 -2.35 7.12 -12.56
CA GLY C 95 -2.80 6.43 -13.78
C GLY C 95 -1.64 5.73 -14.49
N ARG C 96 -0.65 5.24 -13.75
CA ARG C 96 0.50 4.48 -14.31
C ARG C 96 1.37 4.00 -13.15
N SER C 97 2.23 2.97 -13.32
CA SER C 97 3.13 2.66 -12.19
C SER C 97 3.90 3.93 -11.79
N PRO C 98 4.15 4.23 -10.49
CA PRO C 98 3.28 3.80 -9.35
C PRO C 98 1.85 4.39 -9.40
N TYR C 99 0.81 3.54 -9.36
CA TYR C 99 -0.59 3.98 -9.58
C TYR C 99 -0.98 4.93 -8.43
N VAL C 100 -0.24 4.84 -7.33
CA VAL C 100 -0.40 5.84 -6.24
C VAL C 100 0.99 6.31 -5.85
N VAL C 101 1.22 7.62 -5.84
CA VAL C 101 2.52 8.18 -5.40
C VAL C 101 2.33 8.84 -4.04
N PHE C 102 3.36 8.81 -3.21
CA PHE C 102 3.33 9.47 -1.91
C PHE C 102 4.49 10.46 -1.81
N GLY C 103 4.32 11.45 -0.94
CA GLY C 103 5.44 12.21 -0.45
C GLY C 103 6.14 11.45 0.66
N GLY C 104 7.21 12.05 1.18
CA GLY C 104 7.99 11.38 2.21
C GLY C 104 7.41 11.45 3.60
N GLY C 105 6.28 12.12 3.76
CA GLY C 105 5.68 12.30 5.08
C GLY C 105 6.16 13.55 5.78
N THR C 106 5.24 14.23 6.47
CA THR C 106 5.54 15.41 7.27
C THR C 106 5.22 15.12 8.74
N LYS C 107 6.17 15.36 9.63
CA LYS C 107 5.91 15.28 11.05
C LYS C 107 5.38 16.63 11.49
N VAL C 108 4.21 16.63 12.11
CA VAL C 108 3.67 17.84 12.72
C VAL C 108 4.06 17.84 14.18
N THR C 109 4.74 18.88 14.63
CA THR C 109 4.98 19.09 16.04
C THR C 109 4.05 20.19 16.55
N VAL C 110 3.34 19.91 17.63
CA VAL C 110 2.58 20.92 18.36
C VAL C 110 3.49 21.38 19.49
N LEU C 111 3.94 22.64 19.41
CA LEU C 111 4.96 23.14 20.32
C LEU C 111 4.49 23.09 21.76
N GLY C 112 5.29 22.45 22.62
CA GLY C 112 4.98 22.34 24.03
C GLY C 112 6.08 22.92 24.88
N GLN C 113 7.13 23.41 24.24
CA GLN C 113 8.26 24.03 24.93
C GLN C 113 8.98 24.92 23.92
N PRO C 114 9.84 25.83 24.39
CA PRO C 114 10.62 26.65 23.44
C PRO C 114 11.39 25.78 22.47
N LYS C 115 11.45 26.23 21.22
CA LYS C 115 12.33 25.60 20.24
C LYS C 115 13.78 25.61 20.76
N ALA C 116 14.54 24.60 20.38
CA ALA C 116 15.90 24.45 20.86
C ALA C 116 16.76 23.84 19.78
N ALA C 117 17.93 24.45 19.52
CA ALA C 117 18.86 24.04 18.48
C ALA C 117 19.65 22.79 18.90
N PRO C 118 19.99 21.92 17.95
CA PRO C 118 20.76 20.72 18.31
C PRO C 118 22.15 21.08 18.78
N SER C 119 22.59 20.39 19.83
CA SER C 119 23.99 20.35 20.18
C SER C 119 24.65 19.19 19.43
N VAL C 120 25.72 19.49 18.69
CA VAL C 120 26.32 18.53 17.78
C VAL C 120 27.76 18.26 18.20
N THR C 121 28.10 16.99 18.37
CA THR C 121 29.48 16.59 18.59
C THR C 121 29.90 15.54 17.57
N LEU C 122 31.10 15.70 17.00
CA LEU C 122 31.62 14.90 15.90
C LEU C 122 32.89 14.19 16.34
N PHE C 123 32.88 12.86 16.31
CA PHE C 123 34.14 12.18 16.62
C PHE C 123 34.81 11.66 15.35
N PRO C 124 36.13 11.75 15.27
CA PRO C 124 36.87 11.19 14.13
C PRO C 124 37.10 9.71 14.34
N PRO C 125 37.57 8.98 13.33
CA PRO C 125 37.88 7.56 13.53
C PRO C 125 38.95 7.38 14.59
N SER C 126 38.70 6.44 15.49
CA SER C 126 39.69 5.95 16.43
C SER C 126 40.95 5.51 15.68
N SER C 127 42.10 5.63 16.32
CA SER C 127 43.26 4.98 15.72
C SER C 127 43.16 3.47 15.85
N GLU C 128 42.53 2.97 16.92
CA GLU C 128 42.27 1.54 17.01
C GLU C 128 41.37 1.09 15.87
N GLU C 129 40.38 1.91 15.51
CA GLU C 129 39.55 1.56 14.36
C GLU C 129 40.38 1.55 13.08
N LEU C 130 41.21 2.58 12.87
CA LEU C 130 42.07 2.62 11.71
C LEU C 130 42.95 1.38 11.66
N GLN C 131 43.50 0.95 12.79
CA GLN C 131 44.34 -0.25 12.81
C GLN C 131 43.55 -1.49 12.42
N ALA C 132 42.24 -1.50 12.66
CA ALA C 132 41.38 -2.60 12.28
C ALA C 132 40.90 -2.50 10.84
N ASN C 133 41.53 -1.65 10.02
CA ASN C 133 41.14 -1.44 8.63
C ASN C 133 39.71 -0.93 8.52
N LYS C 134 39.30 -0.11 9.47
CA LYS C 134 37.96 0.47 9.50
C LYS C 134 38.07 1.97 9.82
N ALA C 135 37.01 2.70 9.48
CA ALA C 135 36.95 4.13 9.79
C ALA C 135 35.48 4.51 9.89
N THR C 136 35.10 5.07 11.02
CA THR C 136 33.74 5.55 11.23
C THR C 136 33.81 6.97 11.79
N LEU C 137 33.10 7.89 11.15
CA LEU C 137 32.85 9.21 11.74
C LEU C 137 31.53 9.15 12.51
N VAL C 138 31.51 9.67 13.73
CA VAL C 138 30.34 9.61 14.60
C VAL C 138 29.85 11.01 14.92
N CYS C 139 28.69 11.37 14.42
CA CYS C 139 28.06 12.66 14.66
C CYS C 139 26.87 12.50 15.61
N LEU C 140 27.03 12.97 16.85
CA LEU C 140 25.99 12.85 17.87
C LEU C 140 25.22 14.16 18.01
N ILE C 141 23.90 14.05 17.96
CA ILE C 141 23.01 15.20 17.86
C ILE C 141 22.00 15.10 19.01
N SER C 142 21.99 16.09 19.89
CA SER C 142 21.13 15.99 21.07
C SER C 142 20.49 17.32 21.38
N ASP C 143 19.41 17.25 22.17
CA ASP C 143 18.78 18.41 22.82
C ASP C 143 18.13 19.35 21.82
N PHE C 144 17.53 18.82 20.76
CA PHE C 144 16.84 19.72 19.86
C PHE C 144 15.33 19.53 20.01
N TYR C 145 14.59 20.59 19.70
CA TYR C 145 13.15 20.59 19.75
C TYR C 145 12.71 21.66 18.77
N PRO C 146 11.77 21.36 17.86
CA PRO C 146 11.10 20.08 17.64
C PRO C 146 12.06 18.99 17.18
N GLY C 147 11.63 17.74 17.30
CA GLY C 147 12.45 16.58 16.99
C GLY C 147 12.53 16.29 15.51
N ALA C 148 13.16 17.17 14.76
CA ALA C 148 13.26 17.01 13.33
C ALA C 148 14.54 17.69 12.88
N VAL C 149 15.33 16.96 12.13
CA VAL C 149 16.69 17.38 11.83
C VAL C 149 17.05 16.75 10.50
N THR C 150 17.86 17.44 9.70
CA THR C 150 18.42 16.86 8.50
C THR C 150 19.93 17.00 8.59
N VAL C 151 20.65 15.91 8.32
CA VAL C 151 22.09 15.89 8.48
C VAL C 151 22.75 15.63 7.13
N ALA C 152 23.72 16.47 6.78
CA ALA C 152 24.49 16.34 5.56
C ALA C 152 25.95 16.15 5.93
N TRP C 153 26.66 15.35 5.15
CA TRP C 153 28.08 15.12 5.37
C TRP C 153 28.86 15.73 4.22
N LYS C 154 30.04 16.26 4.54
CA LYS C 154 30.95 16.81 3.55
C LYS C 154 32.35 16.25 3.77
N ALA C 155 33.00 15.85 2.68
CA ALA C 155 34.43 15.58 2.67
C ALA C 155 35.10 16.78 2.03
N ASP C 156 36.07 17.36 2.74
CA ASP C 156 36.47 18.73 2.43
C ASP C 156 35.17 19.54 2.38
N SER C 157 34.83 20.10 1.21
CA SER C 157 33.58 20.83 1.09
C SER C 157 32.58 20.16 0.12
N SER C 158 32.81 18.90 -0.27
CA SER C 158 31.90 18.25 -1.22
C SER C 158 30.93 17.32 -0.48
N PRO C 159 29.67 17.30 -0.93
CA PRO C 159 28.67 16.44 -0.29
C PRO C 159 29.05 14.96 -0.40
N VAL C 160 28.89 14.24 0.70
CA VAL C 160 29.19 12.81 0.76
C VAL C 160 27.91 12.08 1.09
N LYS C 161 27.52 11.14 0.22
CA LYS C 161 26.26 10.43 0.37
C LYS C 161 26.42 8.96 0.69
N ALA C 162 27.42 8.30 0.12
CA ALA C 162 27.66 6.89 0.37
C ALA C 162 28.17 6.67 1.79
N GLY C 163 27.78 5.56 2.39
CA GLY C 163 28.26 5.22 3.71
C GLY C 163 27.61 5.94 4.85
N VAL C 164 26.55 6.72 4.60
CA VAL C 164 25.89 7.50 5.64
C VAL C 164 24.70 6.71 6.18
N GLU C 165 24.62 6.64 7.51
CA GLU C 165 23.50 5.96 8.19
C GLU C 165 23.07 6.84 9.37
N THR C 166 21.90 7.47 9.26
CA THR C 166 21.43 8.41 10.32
C THR C 166 20.13 7.87 10.92
N THR C 167 20.00 7.94 12.25
CA THR C 167 18.82 7.46 12.93
C THR C 167 17.68 8.47 12.82
N THR C 168 16.45 7.96 12.98
CA THR C 168 15.32 8.80 13.29
C THR C 168 15.53 9.42 14.68
N PRO C 169 14.98 10.60 14.94
CA PRO C 169 15.13 11.20 16.28
C PRO C 169 14.40 10.40 17.34
N SER C 170 14.96 10.41 18.55
CA SER C 170 14.34 9.73 19.68
C SER C 170 14.19 10.72 20.82
N LYS C 171 13.08 10.59 21.55
CA LYS C 171 12.73 11.56 22.59
C LYS C 171 13.59 11.32 23.83
N GLN C 172 14.31 12.34 24.27
CA GLN C 172 15.08 12.28 25.51
C GLN C 172 14.14 12.39 26.69
N SER C 173 14.65 12.05 27.87
CA SER C 173 13.83 12.14 29.08
C SER C 173 13.51 13.59 29.45
N ASN C 174 14.26 14.56 28.93
CA ASN C 174 13.90 15.96 29.14
C ASN C 174 12.92 16.48 28.09
N ASN C 175 12.33 15.57 27.29
CA ASN C 175 11.40 15.87 26.20
C ASN C 175 12.02 16.57 24.99
N LYS C 176 13.35 16.75 24.96
CA LYS C 176 14.02 17.16 23.75
C LYS C 176 14.47 15.91 23.00
N TYR C 177 15.06 16.07 21.83
CA TYR C 177 15.30 14.94 20.96
C TYR C 177 16.79 14.73 20.71
N ALA C 178 17.13 13.49 20.35
CA ALA C 178 18.50 13.12 20.04
C ALA C 178 18.49 12.26 18.80
N ALA C 179 19.57 12.35 18.04
CA ALA C 179 19.76 11.52 16.87
C ALA C 179 21.27 11.30 16.71
N SER C 180 21.63 10.38 15.83
CA SER C 180 23.05 10.24 15.51
C SER C 180 23.17 9.81 14.06
N SER C 181 24.29 10.20 13.46
CA SER C 181 24.58 9.88 12.07
C SER C 181 25.99 9.32 11.97
N TYR C 182 26.17 8.31 11.13
CA TYR C 182 27.45 7.66 10.95
C TYR C 182 27.85 7.71 9.50
N LEU C 183 29.14 8.00 9.27
CA LEU C 183 29.74 7.94 7.96
C LEU C 183 30.90 6.94 8.02
N SER C 184 30.77 5.81 7.35
CA SER C 184 31.84 4.82 7.33
C SER C 184 32.68 5.01 6.08
N LEU C 185 33.99 4.90 6.27
CA LEU C 185 35.01 5.20 5.26
C LEU C 185 36.08 4.14 5.34
N THR C 186 36.86 4.02 4.27
CA THR C 186 38.12 3.31 4.40
C THR C 186 39.15 4.22 5.08
N PRO C 187 40.12 3.65 5.79
CA PRO C 187 41.19 4.48 6.35
C PRO C 187 41.83 5.38 5.32
N GLU C 188 42.09 4.90 4.10
CA GLU C 188 42.70 5.76 3.09
C GLU C 188 41.81 6.95 2.74
N GLN C 189 40.49 6.71 2.53
CA GLN C 189 39.56 7.81 2.31
C GLN C 189 39.67 8.87 3.41
N TRP C 190 39.76 8.42 4.65
CA TRP C 190 39.84 9.33 5.79
C TRP C 190 41.14 10.13 5.77
N LYS C 191 42.28 9.47 5.50
CA LYS C 191 43.57 10.16 5.50
C LYS C 191 43.79 11.01 4.26
N SER C 192 43.04 10.79 3.19
CA SER C 192 43.28 11.47 1.92
C SER C 192 42.48 12.76 1.77
N HIS C 193 41.60 13.07 2.71
CA HIS C 193 40.93 14.36 2.73
C HIS C 193 41.49 15.22 3.85
N ARG C 194 41.32 16.52 3.70
CA ARG C 194 41.80 17.46 4.70
C ARG C 194 40.87 17.56 5.90
N SER C 195 39.58 17.37 5.69
CA SER C 195 38.59 17.41 6.77
C SER C 195 37.34 16.70 6.34
N TYR C 196 36.51 16.36 7.32
CA TYR C 196 35.15 15.90 7.09
C TYR C 196 34.24 16.72 7.98
N SER C 197 33.02 16.98 7.52
CA SER C 197 32.10 17.81 8.26
C SER C 197 30.74 17.13 8.41
N CYS C 198 30.15 17.33 9.58
CA CYS C 198 28.78 16.92 9.87
C CYS C 198 27.93 18.17 10.03
N GLN C 199 27.06 18.44 9.06
CA GLN C 199 26.17 19.60 9.09
C GLN C 199 24.76 19.17 9.47
N VAL C 200 24.22 19.77 10.53
CA VAL C 200 22.89 19.44 11.02
C VAL C 200 22.00 20.66 10.85
N THR C 201 20.98 20.53 10.02
CA THR C 201 20.05 21.63 9.80
C THR C 201 18.80 21.41 10.63
N HIS C 202 18.36 22.46 11.30
CA HIS C 202 17.24 22.40 12.24
C HIS C 202 16.50 23.72 12.17
N GLU C 203 15.23 23.69 11.78
CA GLU C 203 14.39 24.89 11.74
C GLU C 203 15.02 25.97 10.86
N GLY C 204 15.54 25.57 9.71
CA GLY C 204 16.13 26.50 8.76
C GLY C 204 17.47 27.08 9.17
N SER C 205 18.08 26.57 10.23
CA SER C 205 19.38 27.02 10.69
C SER C 205 20.29 25.80 10.80
N THR C 206 21.54 25.97 10.35
CA THR C 206 22.46 24.81 10.26
C THR C 206 23.63 24.89 11.25
N VAL C 207 23.92 23.77 11.90
CA VAL C 207 25.06 23.65 12.80
C VAL C 207 26.04 22.65 12.19
N GLU C 208 27.33 22.98 12.26
CA GLU C 208 28.35 22.20 11.58
C GLU C 208 29.49 21.90 12.54
N LYS C 209 29.91 20.65 12.59
CA LYS C 209 31.17 20.28 13.22
C LYS C 209 32.07 19.70 12.15
N THR C 210 33.36 20.01 12.27
CA THR C 210 34.36 19.51 11.29
C THR C 210 35.46 18.77 12.07
N VAL C 211 35.98 17.70 11.48
CA VAL C 211 37.07 16.92 12.13
C VAL C 211 38.14 16.67 11.07
N ALA C 212 39.41 16.58 11.48
CA ALA C 212 40.49 16.41 10.52
C ALA C 212 41.46 15.33 10.99
N PRO C 213 42.14 14.65 10.06
CA PRO C 213 43.17 13.68 10.45
C PRO C 213 44.35 14.38 11.10
N THR C 214 44.97 13.69 12.04
CA THR C 214 46.13 14.25 12.72
C THR C 214 47.19 13.18 12.97
#